data_6O39
#
_entry.id   6O39
#
_cell.length_a   101.405
_cell.length_b   101.405
_cell.length_c   196.497
_cell.angle_alpha   90.00
_cell.angle_beta   90.00
_cell.angle_gamma   120.00
#
_symmetry.space_group_name_H-M   'P 61 2 2'
#
loop_
_entity.id
_entity.type
_entity.pdbx_description
1 polymer 'Antibody F2.I Fab, Light chain'
2 polymer 'Antibody F2.I Fab, Heavy chain'
3 polymer Frizzled-5
4 non-polymer 1,2-ETHANEDIOL
5 non-polymer 'ACETATE ION'
6 non-polymer 2-acetamido-2-deoxy-beta-D-glucopyranose
7 water water
#
loop_
_entity_poly.entity_id
_entity_poly.type
_entity_poly.pdbx_seq_one_letter_code
_entity_poly.pdbx_strand_id
1 'polypeptide(L)'
;DIQMTQSPSSLSASVGDRVTITCRASQSVSSAVAWYQQKPGKAPKLLIYSASSLYSGVPSRFSGSRSGTDFTLTISSLQP
EDFATYYCQQGVYLFTFGQGTKVEIKRTVAAPSVFIFPPSDEQLKSGTASVVCLLNNFYPREAKVQWKVDNALQSGNSQE
SVTEQDSKDSTYSLSSTLTLSKADYEKHKVYACEVTHQGLSSPVTKSFNRGEC
;
A
2 'polypeptide(L)'
;EVQLVESGGGLVQPGGSLRLSCAASGFNIHSSSIHWVRQAPGKGLEWVAATYSSFGSITYADSVKGRFTISADTSKNTAY
LQMNSLRAEDTAVYYCARYHHPFGYALDYWGQGTLVTVSSASTKGPSVFPLAPSSKSTSGGTAALGCLVKDYFPEPVTVS
WNSGALTSGVHTFPAVLQSSGLYSLSSVVTVPSSSLGTQTYICNVNHKPSNTKVDKKVEPK
;
B
3 'polypeptide(L)'
;SKAPVCQEITVPMCRGIGYNLTHMPNQFNHDTQDEAGLEVHQFWPLVEIQCSPDLRFFLCSMYTPICLPDYHKPLPPCRS
VCERAKAGCSPLMRQYGFAWPERMSCDRLPVLGRDAEVLCMDY
;
C
#
# COMPACT_ATOMS: atom_id res chain seq x y z
N ASP A 1 -20.97 3.30 13.38
CA ASP A 1 -19.77 2.49 13.43
C ASP A 1 -20.07 1.03 13.10
N ILE A 2 -19.82 0.66 11.86
CA ILE A 2 -19.92 -0.72 11.41
C ILE A 2 -18.58 -1.40 11.66
N GLN A 3 -18.62 -2.62 12.19
CA GLN A 3 -17.43 -3.44 12.39
C GLN A 3 -17.46 -4.57 11.36
N MET A 4 -16.34 -4.79 10.69
CA MET A 4 -16.15 -5.94 9.82
C MET A 4 -15.23 -6.94 10.52
N THR A 5 -15.74 -8.13 10.81
CA THR A 5 -14.96 -9.17 11.46
C THR A 5 -14.52 -10.17 10.40
N GLN A 6 -13.22 -10.30 10.21
CA GLN A 6 -12.68 -11.16 9.18
C GLN A 6 -12.16 -12.47 9.79
N SER A 7 -12.37 -13.58 9.10
CA SER A 7 -11.84 -14.85 9.56
C SER A 7 -11.52 -15.73 8.36
N PRO A 8 -10.47 -16.58 8.46
CA PRO A 8 -9.63 -16.68 9.64
C PRO A 8 -8.61 -15.55 9.67
N SER A 9 -7.87 -15.41 10.76
CA SER A 9 -6.85 -14.37 10.81
C SER A 9 -5.65 -14.73 9.94
N SER A 10 -5.41 -16.03 9.74
CA SER A 10 -4.32 -16.49 8.88
C SER A 10 -4.64 -17.91 8.45
N LEU A 11 -4.04 -18.35 7.35
CA LEU A 11 -4.25 -19.71 6.88
C LEU A 11 -3.08 -20.10 5.99
N SER A 12 -2.92 -21.40 5.82
CA SER A 12 -1.86 -21.98 5.01
C SER A 12 -2.50 -22.94 4.03
N ALA A 13 -2.06 -22.93 2.78
CA ALA A 13 -2.72 -23.78 1.81
C ALA A 13 -1.75 -24.06 0.68
N SER A 14 -1.96 -25.19 0.01
CA SER A 14 -1.06 -25.62 -1.05
C SER A 14 -1.44 -24.98 -2.39
N VAL A 15 -0.45 -24.89 -3.28
CA VAL A 15 -0.73 -24.48 -4.65
C VAL A 15 -1.82 -25.37 -5.23
N GLY A 16 -2.77 -24.75 -5.90
CA GLY A 16 -3.90 -25.47 -6.45
C GLY A 16 -5.09 -25.60 -5.53
N ASP A 17 -4.94 -25.30 -4.24
CA ASP A 17 -6.04 -25.43 -3.29
C ASP A 17 -7.06 -24.31 -3.45
N ARG A 18 -8.29 -24.61 -3.07
CA ARG A 18 -9.34 -23.62 -2.96
C ARG A 18 -9.32 -22.98 -1.57
N VAL A 19 -9.28 -21.64 -1.54
CA VAL A 19 -9.18 -20.87 -0.31
C VAL A 19 -10.39 -19.96 -0.19
N THR A 20 -11.01 -19.93 0.99
CA THR A 20 -12.16 -19.06 1.24
CA THR A 20 -12.17 -19.07 1.24
C THR A 20 -11.88 -18.17 2.45
N ILE A 21 -12.18 -16.88 2.32
CA ILE A 21 -12.00 -15.89 3.37
C ILE A 21 -13.34 -15.21 3.60
N THR A 22 -13.71 -15.04 4.87
CA THR A 22 -15.02 -14.54 5.23
C THR A 22 -14.89 -13.25 6.03
N CYS A 23 -15.79 -12.32 5.76
CA CYS A 23 -15.89 -11.07 6.47
C CYS A 23 -17.36 -10.89 6.84
N ARG A 24 -17.64 -10.65 8.12
CA ARG A 24 -19.01 -10.55 8.62
C ARG A 24 -19.27 -9.14 9.10
N ALA A 25 -20.28 -8.51 8.53
CA ALA A 25 -20.70 -7.20 9.00
C ALA A 25 -21.37 -7.32 10.36
N SER A 26 -21.17 -6.30 11.20
CA SER A 26 -21.78 -6.29 12.53
C SER A 26 -23.27 -5.99 12.49
N GLN A 27 -23.78 -5.55 11.35
CA GLN A 27 -25.19 -5.21 11.19
C GLN A 27 -25.52 -5.30 9.70
N SER A 28 -26.82 -5.31 9.41
CA SER A 28 -27.27 -5.29 8.04
C SER A 28 -26.58 -4.17 7.28
N VAL A 29 -25.94 -4.52 6.17
CA VAL A 29 -25.32 -3.56 5.29
C VAL A 29 -25.72 -3.91 3.86
N SER A 30 -25.56 -2.95 2.98
CA SER A 30 -25.75 -3.20 1.57
C SER A 30 -24.65 -4.14 1.07
N SER A 31 -24.64 -4.37 -0.24
CA SER A 31 -23.57 -5.13 -0.87
C SER A 31 -22.28 -4.31 -1.07
N ALA A 32 -22.14 -3.17 -0.39
CA ALA A 32 -20.98 -2.30 -0.54
C ALA A 32 -19.82 -2.85 0.30
N VAL A 33 -19.25 -3.94 -0.20
CA VAL A 33 -18.11 -4.59 0.43
C VAL A 33 -17.08 -4.90 -0.63
N ALA A 34 -15.84 -4.51 -0.38
CA ALA A 34 -14.75 -4.70 -1.32
C ALA A 34 -13.68 -5.57 -0.70
N TRP A 35 -12.85 -6.16 -1.57
CA TRP A 35 -11.73 -7.00 -1.15
C TRP A 35 -10.43 -6.49 -1.76
N TYR A 36 -9.38 -6.43 -0.95
CA TYR A 36 -8.06 -6.02 -1.38
C TYR A 36 -7.02 -7.09 -1.06
N GLN A 37 -5.96 -7.11 -1.86
CA GLN A 37 -4.79 -7.94 -1.66
C GLN A 37 -3.59 -7.05 -1.39
N GLN A 38 -2.84 -7.32 -0.33
CA GLN A 38 -1.65 -6.52 -0.01
C GLN A 38 -0.43 -7.43 0.15
N LYS A 39 0.57 -7.20 -0.68
CA LYS A 39 1.83 -7.92 -0.63
C LYS A 39 2.88 -7.09 0.11
N PRO A 40 3.95 -7.72 0.62
CA PRO A 40 4.87 -7.01 1.52
C PRO A 40 5.46 -5.77 0.88
N GLY A 41 5.44 -4.67 1.63
CA GLY A 41 6.02 -3.42 1.17
C GLY A 41 5.25 -2.71 0.08
N LYS A 42 4.04 -3.18 -0.26
CA LYS A 42 3.26 -2.63 -1.37
C LYS A 42 1.91 -2.11 -0.89
N ALA A 43 1.33 -1.21 -1.68
CA ALA A 43 -0.03 -0.77 -1.42
C ALA A 43 -1.03 -1.89 -1.69
N PRO A 44 -2.18 -1.88 -1.03
CA PRO A 44 -3.26 -2.82 -1.36
C PRO A 44 -3.67 -2.69 -2.81
N LYS A 45 -4.11 -3.81 -3.40
CA LYS A 45 -4.62 -3.85 -4.76
C LYS A 45 -6.08 -4.28 -4.71
N LEU A 46 -6.92 -3.55 -5.44
CA LEU A 46 -8.34 -3.83 -5.45
C LEU A 46 -8.62 -5.11 -6.25
N LEU A 47 -9.35 -6.04 -5.64
CA LEU A 47 -9.76 -7.28 -6.29
C LEU A 47 -11.23 -7.28 -6.68
N ILE A 48 -12.09 -6.99 -5.70
CA ILE A 48 -13.54 -7.13 -5.81
C ILE A 48 -14.18 -5.88 -5.25
N TYR A 49 -15.22 -5.38 -5.92
CA TYR A 49 -16.03 -4.32 -5.36
C TYR A 49 -17.50 -4.70 -5.45
N SER A 50 -18.31 -4.11 -4.56
CA SER A 50 -19.76 -4.35 -4.56
C SER A 50 -20.06 -5.83 -4.35
N ALA A 51 -19.30 -6.44 -3.43
CA ALA A 51 -19.42 -7.82 -2.97
C ALA A 51 -18.94 -8.84 -4.00
N SER A 52 -19.24 -8.65 -5.28
CA SER A 52 -18.95 -9.71 -6.24
C SER A 52 -18.47 -9.25 -7.60
N SER A 53 -18.27 -7.96 -7.83
CA SER A 53 -17.77 -7.51 -9.13
C SER A 53 -16.24 -7.54 -9.15
N LEU A 54 -15.69 -8.19 -10.17
CA LEU A 54 -14.25 -8.29 -10.33
C LEU A 54 -13.68 -6.98 -10.88
N TYR A 55 -12.57 -6.53 -10.30
CA TYR A 55 -11.93 -5.32 -10.79
C TYR A 55 -11.07 -5.63 -12.03
N SER A 56 -10.77 -4.59 -12.81
CA SER A 56 -9.97 -4.70 -14.02
C SER A 56 -8.67 -5.43 -13.78
N GLY A 57 -8.36 -6.38 -14.66
CA GLY A 57 -7.08 -7.05 -14.60
C GLY A 57 -6.95 -8.14 -13.55
N VAL A 58 -7.98 -8.36 -12.73
CA VAL A 58 -7.89 -9.32 -11.63
C VAL A 58 -8.06 -10.73 -12.20
N PRO A 59 -7.18 -11.68 -11.85
CA PRO A 59 -7.24 -13.03 -12.43
C PRO A 59 -8.53 -13.76 -12.10
N SER A 60 -8.86 -14.75 -12.94
CA SER A 60 -10.16 -15.41 -12.90
C SER A 60 -10.35 -16.21 -11.62
N ARG A 61 -9.25 -16.61 -10.96
CA ARG A 61 -9.36 -17.44 -9.77
C ARG A 61 -9.94 -16.69 -8.57
N PHE A 62 -10.00 -15.35 -8.61
CA PHE A 62 -10.63 -14.60 -7.53
C PHE A 62 -12.12 -14.40 -7.79
N SER A 63 -12.93 -14.55 -6.75
CA SER A 63 -14.34 -14.25 -6.86
C SER A 63 -14.87 -13.89 -5.48
N GLY A 64 -16.00 -13.20 -5.48
CA GLY A 64 -16.66 -12.82 -4.24
C GLY A 64 -18.14 -13.11 -4.29
N SER A 65 -18.72 -13.32 -3.11
CA SER A 65 -20.15 -13.62 -2.98
C SER A 65 -20.61 -13.18 -1.59
N ARG A 66 -21.92 -13.16 -1.39
CA ARG A 66 -22.47 -12.78 -0.09
C ARG A 66 -23.69 -13.63 0.25
N SER A 67 -23.91 -13.81 1.55
CA SER A 67 -25.11 -14.44 2.09
C SER A 67 -25.44 -13.73 3.40
N GLY A 68 -26.50 -12.93 3.40
CA GLY A 68 -26.82 -12.16 4.59
C GLY A 68 -25.72 -11.16 4.89
N THR A 69 -25.25 -11.18 6.12
CA THR A 69 -24.17 -10.29 6.52
C THR A 69 -22.79 -10.92 6.34
N ASP A 70 -22.70 -12.05 5.64
CA ASP A 70 -21.47 -12.79 5.45
C ASP A 70 -20.98 -12.63 4.01
N PHE A 71 -19.78 -12.08 3.85
CA PHE A 71 -19.17 -11.87 2.54
C PHE A 71 -17.94 -12.76 2.43
N THR A 72 -17.79 -13.41 1.28
CA THR A 72 -16.70 -14.37 1.11
C THR A 72 -15.88 -14.02 -0.11
N LEU A 73 -14.56 -14.05 0.06
CA LEU A 73 -13.59 -14.02 -1.02
C LEU A 73 -13.09 -15.43 -1.23
N THR A 74 -13.15 -15.90 -2.47
CA THR A 74 -12.71 -17.25 -2.82
C THR A 74 -11.57 -17.17 -3.81
N ILE A 75 -10.48 -17.86 -3.51
CA ILE A 75 -9.47 -18.13 -4.52
C ILE A 75 -9.66 -19.57 -4.97
N SER A 76 -10.01 -19.77 -6.24
CA SER A 76 -10.41 -21.11 -6.68
C SER A 76 -9.21 -22.04 -6.81
N SER A 77 -8.02 -21.52 -7.07
CA SER A 77 -6.82 -22.34 -7.24
C SER A 77 -5.61 -21.51 -6.85
N LEU A 78 -5.18 -21.66 -5.59
CA LEU A 78 -4.12 -20.82 -5.05
C LEU A 78 -2.81 -20.94 -5.83
N GLN A 79 -2.17 -19.79 -6.08
CA GLN A 79 -0.90 -19.75 -6.80
C GLN A 79 0.18 -19.21 -5.88
N PRO A 80 1.46 -19.53 -6.13
CA PRO A 80 2.51 -19.09 -5.21
C PRO A 80 2.55 -17.58 -5.04
N GLU A 81 2.22 -16.83 -6.09
CA GLU A 81 2.24 -15.38 -5.99
C GLU A 81 1.04 -14.85 -5.21
N ASP A 82 0.09 -15.70 -4.82
CA ASP A 82 -1.05 -15.24 -4.04
C ASP A 82 -0.75 -15.08 -2.56
N PHE A 83 0.48 -15.35 -2.14
CA PHE A 83 0.88 -15.01 -0.78
C PHE A 83 0.70 -13.51 -0.58
N ALA A 84 -0.09 -13.14 0.42
CA ALA A 84 -0.46 -11.75 0.69
C ALA A 84 -1.31 -11.73 1.94
N THR A 85 -1.62 -10.52 2.41
CA THR A 85 -2.70 -10.34 3.37
C THR A 85 -3.89 -9.76 2.62
N TYR A 86 -5.08 -10.31 2.87
CA TYR A 86 -6.31 -9.92 2.18
C TYR A 86 -7.20 -9.16 3.16
N TYR A 87 -7.75 -8.02 2.72
CA TYR A 87 -8.60 -7.19 3.57
C TYR A 87 -9.97 -7.01 2.94
N CYS A 88 -11.02 -7.13 3.76
CA CYS A 88 -12.32 -6.67 3.34
C CYS A 88 -12.47 -5.20 3.71
N GLN A 89 -13.32 -4.52 2.96
CA GLN A 89 -13.61 -3.11 3.17
C GLN A 89 -15.12 -2.95 3.13
N GLN A 90 -15.66 -2.18 4.07
CA GLN A 90 -17.09 -1.88 4.05
C GLN A 90 -17.30 -0.39 3.77
N GLY A 91 -18.35 -0.09 3.01
CA GLY A 91 -18.75 1.30 2.87
C GLY A 91 -18.98 1.76 1.44
N VAL A 92 -19.76 2.82 1.31
CA VAL A 92 -20.08 3.42 0.02
C VAL A 92 -19.15 4.59 -0.28
N TYR A 93 -19.05 5.52 0.66
CA TYR A 93 -18.27 6.74 0.51
C TYR A 93 -17.22 6.92 1.58
N LEU A 94 -17.48 6.44 2.80
CA LEU A 94 -16.51 6.40 3.87
C LEU A 94 -16.32 4.94 4.25
N PHE A 95 -15.07 4.56 4.52
CA PHE A 95 -14.70 3.15 4.58
C PHE A 95 -14.24 2.72 5.95
N THR A 96 -14.54 1.45 6.26
CA THR A 96 -13.93 0.73 7.35
C THR A 96 -13.37 -0.57 6.80
N PHE A 97 -12.33 -1.11 7.45
CA PHE A 97 -11.65 -2.31 6.97
C PHE A 97 -11.76 -3.44 7.99
N GLY A 98 -11.83 -4.67 7.48
CA GLY A 98 -11.59 -5.83 8.30
C GLY A 98 -10.14 -5.90 8.76
N GLN A 99 -9.86 -6.80 9.70
CA GLN A 99 -8.52 -6.82 10.25
C GLN A 99 -7.52 -7.63 9.43
N GLY A 100 -7.95 -8.27 8.35
CA GLY A 100 -7.02 -8.90 7.42
C GLY A 100 -6.86 -10.39 7.64
N THR A 101 -6.55 -11.10 6.55
CA THR A 101 -6.23 -12.52 6.58
C THR A 101 -4.92 -12.76 5.85
N LYS A 102 -3.90 -13.24 6.58
CA LYS A 102 -2.61 -13.60 5.99
C LYS A 102 -2.71 -14.98 5.37
N VAL A 103 -2.41 -15.07 4.09
CA VAL A 103 -2.43 -16.34 3.36
C VAL A 103 -1.00 -16.74 3.04
N GLU A 104 -0.58 -17.90 3.55
CA GLU A 104 0.74 -18.49 3.32
CA GLU A 104 0.73 -18.40 3.18
C GLU A 104 0.59 -19.73 2.45
N ILE A 105 1.61 -20.02 1.65
CA ILE A 105 1.59 -21.14 0.72
C ILE A 105 2.28 -22.33 1.38
N LYS A 106 1.60 -23.48 1.42
CA LYS A 106 2.25 -24.73 1.81
C LYS A 106 2.97 -25.31 0.60
N ARG A 107 4.22 -25.75 0.80
CA ARG A 107 5.00 -26.36 -0.26
C ARG A 107 5.77 -27.54 0.32
N THR A 108 6.58 -28.19 -0.52
CA THR A 108 7.38 -29.30 -0.04
C THR A 108 8.51 -28.80 0.85
N VAL A 109 8.97 -29.67 1.74
CA VAL A 109 10.06 -29.29 2.63
C VAL A 109 11.30 -29.00 1.82
N ALA A 110 12.00 -27.92 2.20
CA ALA A 110 13.22 -27.50 1.55
C ALA A 110 14.24 -27.16 2.61
N ALA A 111 15.37 -27.87 2.61
CA ALA A 111 16.35 -27.56 3.65
C ALA A 111 17.11 -26.28 3.31
N PRO A 112 17.51 -25.51 4.32
CA PRO A 112 18.27 -24.29 4.06
C PRO A 112 19.69 -24.59 3.66
N SER A 113 20.24 -23.73 2.80
CA SER A 113 21.69 -23.64 2.66
CA SER A 113 21.69 -23.63 2.66
C SER A 113 22.18 -22.65 3.69
N VAL A 114 23.29 -22.98 4.37
CA VAL A 114 23.75 -22.21 5.52
C VAL A 114 25.07 -21.53 5.18
N PHE A 115 25.19 -20.24 5.54
CA PHE A 115 26.41 -19.48 5.37
C PHE A 115 26.69 -18.69 6.65
N ILE A 116 27.97 -18.54 7.00
CA ILE A 116 28.39 -17.73 8.14
C ILE A 116 29.32 -16.64 7.65
N PHE A 117 29.16 -15.43 8.21
CA PHE A 117 29.95 -14.25 7.83
C PHE A 117 30.67 -13.73 9.06
N PRO A 118 32.00 -13.59 9.02
CA PRO A 118 32.72 -12.99 10.15
C PRO A 118 32.55 -11.48 10.15
N PRO A 119 32.83 -10.82 11.28
CA PRO A 119 32.80 -9.36 11.28
C PRO A 119 33.85 -8.80 10.33
N SER A 120 33.52 -7.67 9.71
CA SER A 120 34.47 -6.99 8.83
C SER A 120 35.53 -6.29 9.65
N ASP A 121 36.67 -6.05 9.01
CA ASP A 121 37.73 -5.29 9.69
C ASP A 121 37.29 -3.86 9.92
N GLU A 122 36.53 -3.30 8.98
CA GLU A 122 36.03 -1.94 9.15
C GLU A 122 35.20 -1.82 10.43
N GLN A 123 34.30 -2.77 10.67
CA GLN A 123 33.46 -2.70 11.87
C GLN A 123 34.28 -2.87 13.14
N LEU A 124 35.20 -3.84 13.15
CA LEU A 124 35.99 -4.13 14.34
C LEU A 124 36.74 -2.90 14.86
N LYS A 125 37.25 -2.08 13.93
CA LYS A 125 37.93 -0.85 14.32
C LYS A 125 37.08 -0.02 15.27
N SER A 126 35.76 0.03 15.05
CA SER A 126 34.87 0.84 15.85
C SER A 126 34.53 0.21 17.20
N GLY A 127 34.96 -1.02 17.46
CA GLY A 127 34.78 -1.63 18.75
C GLY A 127 33.59 -2.58 18.87
N THR A 128 32.95 -2.95 17.76
CA THR A 128 31.84 -3.89 17.78
C THR A 128 32.12 -4.96 16.74
N ALA A 129 31.70 -6.19 17.05
CA ALA A 129 31.80 -7.31 16.13
C ALA A 129 30.42 -7.91 15.93
N SER A 130 29.94 -7.93 14.69
CA SER A 130 28.70 -8.60 14.34
C SER A 130 29.01 -9.86 13.52
N VAL A 131 28.48 -10.99 13.96
CA VAL A 131 28.66 -12.27 13.28
C VAL A 131 27.30 -12.69 12.72
N VAL A 132 27.25 -13.02 11.44
CA VAL A 132 25.98 -13.21 10.76
C VAL A 132 25.89 -14.63 10.23
N CYS A 133 24.78 -15.30 10.50
CA CYS A 133 24.50 -16.63 10.00
C CYS A 133 23.27 -16.56 9.10
N LEU A 134 23.38 -17.10 7.90
CA LEU A 134 22.33 -17.01 6.89
C LEU A 134 21.76 -18.39 6.60
N LEU A 135 20.44 -18.51 6.68
CA LEU A 135 19.71 -19.70 6.25
C LEU A 135 18.90 -19.30 5.02
N ASN A 136 19.17 -19.94 3.88
CA ASN A 136 18.66 -19.46 2.60
C ASN A 136 17.64 -20.43 2.01
N ASN A 137 16.46 -19.91 1.65
CA ASN A 137 15.49 -20.58 0.79
C ASN A 137 15.01 -21.91 1.36
N PHE A 138 14.38 -21.85 2.52
CA PHE A 138 13.92 -23.06 3.19
C PHE A 138 12.42 -23.03 3.47
N TYR A 139 11.86 -24.22 3.78
CA TYR A 139 10.46 -24.38 4.13
C TYR A 139 10.32 -25.68 4.92
N PRO A 140 9.51 -25.70 5.99
CA PRO A 140 8.69 -24.63 6.56
C PRO A 140 9.51 -23.55 7.25
N ARG A 141 8.82 -22.55 7.79
CA ARG A 141 9.50 -21.39 8.36
CA ARG A 141 9.47 -21.38 8.38
C ARG A 141 10.20 -21.72 9.67
N GLU A 142 9.71 -22.71 10.42
CA GLU A 142 10.30 -23.05 11.70
C GLU A 142 11.73 -23.55 11.52
N ALA A 143 12.64 -22.98 12.31
CA ALA A 143 14.05 -23.32 12.24
C ALA A 143 14.69 -22.94 13.57
N LYS A 144 15.75 -23.67 13.93
CA LYS A 144 16.50 -23.39 15.15
C LYS A 144 17.94 -23.07 14.78
N VAL A 145 18.41 -21.90 15.17
CA VAL A 145 19.77 -21.44 14.94
C VAL A 145 20.43 -21.19 16.29
N GLN A 146 21.56 -21.84 16.54
CA GLN A 146 22.28 -21.68 17.80
C GLN A 146 23.70 -21.22 17.51
N TRP A 147 24.19 -20.31 18.35
CA TRP A 147 25.55 -19.82 18.27
C TRP A 147 26.42 -20.51 19.31
N LYS A 148 27.63 -20.86 18.92
CA LYS A 148 28.60 -21.47 19.82
C LYS A 148 29.93 -20.77 19.61
N VAL A 149 30.55 -20.36 20.71
CA VAL A 149 31.82 -19.65 20.67
C VAL A 149 32.80 -20.45 21.50
N ASP A 150 33.85 -20.97 20.85
CA ASP A 150 34.74 -21.98 21.44
C ASP A 150 33.92 -23.09 22.09
N ASN A 151 32.84 -23.46 21.40
CA ASN A 151 31.90 -24.51 21.78
C ASN A 151 31.06 -24.16 23.00
N ALA A 152 30.96 -22.88 23.37
CA ALA A 152 30.07 -22.46 24.43
C ALA A 152 28.78 -21.92 23.82
N LEU A 153 27.67 -22.56 24.15
CA LEU A 153 26.36 -22.15 23.67
C LEU A 153 26.03 -20.73 24.14
N GLN A 154 25.67 -19.87 23.20
CA GLN A 154 25.42 -18.46 23.48
C GLN A 154 23.95 -18.22 23.77
N SER A 155 23.69 -17.20 24.60
CA SER A 155 22.33 -16.83 24.92
C SER A 155 22.25 -15.33 25.13
N GLY A 156 21.22 -14.71 24.56
CA GLY A 156 20.87 -13.33 24.87
C GLY A 156 21.57 -12.27 24.05
N ASN A 157 22.49 -12.64 23.17
CA ASN A 157 23.26 -11.67 22.40
C ASN A 157 23.06 -11.81 20.90
N SER A 158 21.92 -12.37 20.46
CA SER A 158 21.65 -12.52 19.03
C SER A 158 20.21 -12.11 18.72
N GLN A 159 19.98 -11.73 17.46
CA GLN A 159 18.66 -11.37 16.98
C GLN A 159 18.45 -11.96 15.59
N GLU A 160 17.23 -12.45 15.34
CA GLU A 160 16.88 -13.05 14.05
C GLU A 160 15.96 -12.14 13.25
N SER A 161 16.06 -12.26 11.92
CA SER A 161 15.11 -11.65 11.01
C SER A 161 14.74 -12.69 9.96
N VAL A 162 13.48 -12.71 9.55
CA VAL A 162 12.99 -13.66 8.55
C VAL A 162 12.34 -12.89 7.42
N THR A 163 12.65 -13.27 6.19
CA THR A 163 11.99 -12.65 5.05
C THR A 163 10.52 -13.06 5.00
N GLU A 164 9.73 -12.27 4.30
CA GLU A 164 8.39 -12.73 3.94
C GLU A 164 8.51 -13.83 2.88
N GLN A 165 7.47 -14.65 2.80
CA GLN A 165 7.50 -15.78 1.89
C GLN A 165 7.76 -15.33 0.45
N ASP A 166 8.65 -16.06 -0.21
CA ASP A 166 9.00 -15.75 -1.59
C ASP A 166 7.80 -15.97 -2.50
N SER A 167 7.50 -14.98 -3.35
CA SER A 167 6.32 -15.13 -4.20
C SER A 167 6.52 -16.13 -5.33
N LYS A 168 7.75 -16.58 -5.60
CA LYS A 168 8.02 -17.52 -6.68
C LYS A 168 8.19 -18.95 -6.19
N ASP A 169 9.11 -19.18 -5.24
CA ASP A 169 9.35 -20.55 -4.78
C ASP A 169 8.80 -20.81 -3.37
N SER A 170 8.07 -19.85 -2.78
CA SER A 170 7.35 -20.04 -1.53
C SER A 170 8.28 -20.42 -0.35
N THR A 171 9.56 -20.06 -0.42
CA THR A 171 10.47 -20.35 0.69
C THR A 171 10.68 -19.12 1.57
N TYR A 172 11.38 -19.33 2.69
CA TYR A 172 11.82 -18.29 3.60
C TYR A 172 13.33 -18.23 3.61
N SER A 173 13.86 -17.08 4.00
CA SER A 173 15.26 -16.98 4.37
C SER A 173 15.36 -16.29 5.73
N LEU A 174 16.42 -16.59 6.46
CA LEU A 174 16.55 -16.15 7.84
C LEU A 174 17.98 -15.73 8.12
N SER A 175 18.14 -14.65 8.88
CA SER A 175 19.45 -14.25 9.39
C SER A 175 19.43 -14.28 10.91
N SER A 176 20.57 -14.66 11.48
CA SER A 176 20.81 -14.55 12.91
C SER A 176 22.09 -13.78 13.08
N THR A 177 22.07 -12.73 13.90
CA THR A 177 23.20 -11.83 14.05
C THR A 177 23.62 -11.85 15.50
N LEU A 178 24.87 -12.25 15.74
CA LEU A 178 25.47 -12.25 17.06
C LEU A 178 26.31 -11.00 17.22
N THR A 179 26.09 -10.25 18.30
CA THR A 179 26.79 -8.99 18.54
C THR A 179 27.64 -9.12 19.79
N LEU A 180 28.93 -8.83 19.65
CA LEU A 180 29.89 -8.83 20.73
C LEU A 180 30.74 -7.57 20.63
N SER A 181 31.29 -7.15 21.77
CA SER A 181 32.30 -6.12 21.71
C SER A 181 33.55 -6.68 21.04
N LYS A 182 34.36 -5.79 20.47
CA LYS A 182 35.65 -6.20 19.93
C LYS A 182 36.45 -6.98 20.96
N ALA A 183 36.48 -6.48 22.20
CA ALA A 183 37.26 -7.14 23.25
C ALA A 183 36.75 -8.54 23.54
N ASP A 184 35.43 -8.69 23.67
CA ASP A 184 34.87 -10.03 23.81
C ASP A 184 35.19 -10.89 22.58
N TYR A 185 35.10 -10.29 21.39
CA TYR A 185 35.35 -11.02 20.15
C TYR A 185 36.76 -11.59 20.11
N GLU A 186 37.75 -10.82 20.56
CA GLU A 186 39.13 -11.24 20.41
C GLU A 186 39.61 -12.18 21.52
N LYS A 187 38.73 -12.58 22.44
CA LYS A 187 39.07 -13.57 23.45
C LYS A 187 38.83 -15.00 23.00
N HIS A 188 38.30 -15.23 21.80
CA HIS A 188 37.88 -16.55 21.38
C HIS A 188 38.32 -16.82 19.94
N LYS A 189 38.27 -18.10 19.55
CA LYS A 189 38.72 -18.51 18.22
C LYS A 189 37.59 -19.05 17.35
N VAL A 190 36.90 -20.09 17.78
CA VAL A 190 35.93 -20.79 16.94
C VAL A 190 34.57 -20.11 17.06
N TYR A 191 34.07 -19.60 15.94
CA TYR A 191 32.73 -19.02 15.88
C TYR A 191 31.88 -19.90 14.97
N ALA A 192 30.76 -20.38 15.50
CA ALA A 192 29.95 -21.38 14.81
C ALA A 192 28.48 -21.06 14.98
N CYS A 193 27.70 -21.29 13.93
CA CYS A 193 26.25 -21.39 14.08
C CYS A 193 25.80 -22.78 13.65
N GLU A 194 24.85 -23.32 14.40
CA GLU A 194 24.36 -24.68 14.21
C GLU A 194 22.87 -24.61 13.91
N VAL A 195 22.47 -25.17 12.78
CA VAL A 195 21.13 -25.03 12.23
C VAL A 195 20.40 -26.36 12.31
N THR A 196 19.19 -26.32 12.83
CA THR A 196 18.28 -27.46 12.86
C THR A 196 17.05 -27.10 12.03
N HIS A 197 16.63 -28.02 11.16
CA HIS A 197 15.44 -27.79 10.35
C HIS A 197 14.85 -29.14 9.95
N GLN A 198 13.54 -29.15 9.73
CA GLN A 198 12.85 -30.38 9.32
C GLN A 198 13.50 -31.03 8.10
N GLY A 199 14.07 -30.24 7.19
CA GLY A 199 14.70 -30.75 6.00
C GLY A 199 16.11 -31.30 6.17
N LEU A 200 16.72 -31.12 7.34
CA LEU A 200 18.08 -31.56 7.59
C LEU A 200 18.06 -32.80 8.50
N SER A 201 18.69 -33.88 8.04
CA SER A 201 18.68 -35.12 8.81
C SER A 201 19.43 -34.96 10.13
N SER A 202 20.47 -34.14 10.16
CA SER A 202 21.19 -33.82 11.38
C SER A 202 21.60 -32.35 11.31
N PRO A 203 21.89 -31.72 12.45
CA PRO A 203 22.22 -30.28 12.44
C PRO A 203 23.43 -29.97 11.57
N VAL A 204 23.32 -28.87 10.83
CA VAL A 204 24.40 -28.34 10.01
C VAL A 204 25.09 -27.23 10.78
N THR A 205 26.43 -27.25 10.80
CA THR A 205 27.24 -26.25 11.48
C THR A 205 28.16 -25.59 10.45
N LYS A 206 28.19 -24.27 10.45
CA LYS A 206 29.16 -23.49 9.69
C LYS A 206 29.99 -22.70 10.68
N SER A 207 31.26 -22.51 10.40
CA SER A 207 32.16 -21.97 11.40
C SER A 207 33.39 -21.38 10.74
N PHE A 208 34.02 -20.43 11.46
CA PHE A 208 35.30 -19.89 11.07
C PHE A 208 36.17 -19.72 12.31
N ASN A 209 37.47 -19.56 12.08
CA ASN A 209 38.45 -19.27 13.13
C ASN A 209 38.87 -17.81 13.00
N ARG A 210 38.79 -17.08 14.12
CA ARG A 210 39.09 -15.66 14.10
CA ARG A 210 39.11 -15.66 14.14
C ARG A 210 40.44 -15.39 13.46
N GLY A 211 40.44 -14.48 12.47
CA GLY A 211 41.66 -14.13 11.78
C GLY A 211 42.28 -15.26 10.98
N GLU A 212 41.45 -16.14 10.42
CA GLU A 212 41.93 -17.25 9.61
C GLU A 212 41.15 -17.32 8.30
N GLU B 1 1.44 6.52 -16.07
CA GLU B 1 0.44 7.33 -16.76
C GLU B 1 -0.63 7.87 -15.81
N VAL B 2 -1.59 7.03 -15.41
CA VAL B 2 -2.49 7.34 -14.30
C VAL B 2 -1.85 6.80 -13.02
N GLN B 3 -1.47 7.69 -12.11
CA GLN B 3 -0.82 7.19 -10.91
C GLN B 3 -0.84 8.25 -9.82
N LEU B 4 -0.43 7.81 -8.64
CA LEU B 4 -0.34 8.62 -7.44
C LEU B 4 1.03 8.39 -6.83
N VAL B 5 1.71 9.46 -6.43
CA VAL B 5 3.05 9.36 -5.84
C VAL B 5 3.07 10.19 -4.57
N GLU B 6 3.39 9.56 -3.45
CA GLU B 6 3.42 10.26 -2.17
CA GLU B 6 3.43 10.30 -2.19
C GLU B 6 4.85 10.69 -1.82
N SER B 7 4.92 11.73 -0.99
CA SER B 7 6.18 12.22 -0.47
CA SER B 7 6.18 12.21 -0.47
C SER B 7 5.90 12.92 0.84
N GLY B 8 6.97 13.20 1.59
CA GLY B 8 6.88 13.96 2.81
C GLY B 8 7.07 13.16 4.06
N GLY B 9 7.10 11.82 3.97
CA GLY B 9 7.25 11.02 5.17
C GLY B 9 8.60 11.21 5.84
N GLY B 10 8.62 10.93 7.12
CA GLY B 10 9.85 10.96 7.88
C GLY B 10 9.58 11.07 9.38
N LEU B 11 10.63 11.45 10.09
CA LEU B 11 10.61 11.50 11.54
C LEU B 11 10.03 12.82 12.01
N VAL B 12 9.14 12.76 13.00
CA VAL B 12 8.62 13.98 13.62
C VAL B 12 8.48 13.74 15.11
N GLN B 13 8.74 14.78 15.89
CA GLN B 13 8.62 14.70 17.35
C GLN B 13 7.15 14.61 17.76
N PRO B 14 6.86 13.91 18.86
CA PRO B 14 5.50 13.93 19.40
C PRO B 14 5.03 15.36 19.61
N GLY B 15 3.76 15.61 19.30
CA GLY B 15 3.23 16.95 19.29
C GLY B 15 3.65 17.81 18.11
N GLY B 16 4.53 17.32 17.24
CA GLY B 16 4.97 18.05 16.08
C GLY B 16 3.99 17.99 14.91
N SER B 17 4.45 18.53 13.77
CA SER B 17 3.62 18.68 12.57
C SER B 17 4.37 18.16 11.35
N LEU B 18 3.61 17.69 10.37
CA LEU B 18 4.19 17.17 9.14
CA LEU B 18 4.19 17.18 9.14
C LEU B 18 3.12 17.24 8.05
N ARG B 19 3.53 17.64 6.85
CA ARG B 19 2.63 17.67 5.69
C ARG B 19 3.06 16.59 4.68
N LEU B 20 2.11 15.74 4.28
CA LEU B 20 2.30 14.76 3.22
C LEU B 20 1.73 15.29 1.91
N SER B 21 2.33 14.87 0.80
CA SER B 21 1.88 15.22 -0.53
CA SER B 21 1.84 15.22 -0.51
C SER B 21 1.47 13.97 -1.27
N CYS B 22 0.44 14.10 -2.11
CA CYS B 22 -0.06 13.03 -2.99
C CYS B 22 -0.14 13.63 -4.39
N ALA B 23 0.87 13.37 -5.22
CA ALA B 23 0.93 13.96 -6.56
C ALA B 23 0.29 13.02 -7.57
N ALA B 24 -0.70 13.53 -8.30
CA ALA B 24 -1.42 12.73 -9.29
C ALA B 24 -0.91 12.99 -10.71
N SER B 25 -1.02 11.98 -11.56
CA SER B 25 -0.78 12.10 -12.99
C SER B 25 -1.90 11.37 -13.73
N GLY B 26 -2.26 11.91 -14.89
CA GLY B 26 -3.20 11.22 -15.75
C GLY B 26 -4.65 11.46 -15.45
N PHE B 27 -4.96 12.25 -14.42
CA PHE B 27 -6.30 12.73 -14.11
C PHE B 27 -6.13 13.95 -13.21
N ASN B 28 -7.16 14.80 -13.15
CA ASN B 28 -7.11 15.97 -12.28
C ASN B 28 -7.71 15.66 -10.92
N ILE B 29 -6.92 15.87 -9.85
CA ILE B 29 -7.45 15.60 -8.52
C ILE B 29 -8.64 16.50 -8.23
N HIS B 30 -8.69 17.69 -8.82
CA HIS B 30 -9.74 18.58 -8.38
C HIS B 30 -11.10 18.20 -8.96
N SER B 31 -11.17 17.21 -9.86
CA SER B 31 -12.47 16.64 -10.20
C SER B 31 -12.60 15.19 -9.74
N SER B 32 -11.80 14.78 -8.77
CA SER B 32 -11.80 13.40 -8.28
CA SER B 32 -11.87 13.39 -8.30
C SER B 32 -12.14 13.36 -6.80
N SER B 33 -11.98 12.19 -6.21
CA SER B 33 -12.08 12.00 -4.77
C SER B 33 -10.79 11.32 -4.34
N ILE B 34 -10.07 11.92 -3.40
CA ILE B 34 -8.81 11.39 -2.89
C ILE B 34 -9.01 11.03 -1.43
N HIS B 35 -8.65 9.81 -1.07
CA HIS B 35 -8.74 9.31 0.29
C HIS B 35 -7.36 9.11 0.87
N TRP B 36 -7.29 9.07 2.19
CA TRP B 36 -6.06 8.72 2.89
C TRP B 36 -6.32 7.51 3.79
N VAL B 37 -5.40 6.55 3.74
CA VAL B 37 -5.50 5.29 4.47
C VAL B 37 -4.13 5.03 5.06
N ARG B 38 -4.07 4.69 6.36
CA ARG B 38 -2.78 4.44 6.99
C ARG B 38 -2.72 3.03 7.57
N GLN B 39 -1.49 2.60 7.83
CA GLN B 39 -1.21 1.24 8.29
C GLN B 39 -0.06 1.30 9.29
N ALA B 40 -0.39 1.15 10.57
CA ALA B 40 0.65 1.10 11.58
C ALA B 40 1.50 -0.15 11.38
N PRO B 41 2.75 -0.14 11.81
CA PRO B 41 3.65 -1.26 11.52
C PRO B 41 3.09 -2.57 12.06
N GLY B 42 2.95 -3.55 11.17
CA GLY B 42 2.42 -4.85 11.56
C GLY B 42 0.93 -4.90 11.81
N LYS B 43 0.19 -3.82 11.52
CA LYS B 43 -1.24 -3.72 11.76
C LYS B 43 -2.01 -3.69 10.43
N GLY B 44 -3.32 -3.50 10.52
CA GLY B 44 -4.17 -3.47 9.34
C GLY B 44 -4.36 -2.05 8.81
N LEU B 45 -5.22 -1.95 7.79
CA LEU B 45 -5.52 -0.66 7.17
C LEU B 45 -6.54 0.12 7.99
N GLU B 46 -6.34 1.43 8.11
CA GLU B 46 -7.30 2.30 8.79
C GLU B 46 -7.60 3.49 7.88
N TRP B 47 -8.87 3.64 7.52
CA TRP B 47 -9.28 4.81 6.72
C TRP B 47 -9.17 6.08 7.57
N VAL B 48 -8.60 7.15 6.97
CA VAL B 48 -8.20 8.37 7.68
C VAL B 48 -9.05 9.58 7.28
N ALA B 49 -9.27 9.79 5.99
CA ALA B 49 -9.88 11.03 5.51
C ALA B 49 -10.16 10.90 4.02
N ALA B 50 -11.02 11.81 3.51
CA ALA B 50 -11.36 11.82 2.09
C ALA B 50 -11.95 13.17 1.69
N THR B 51 -11.66 13.57 0.46
CA THR B 51 -12.38 14.66 -0.18
C THR B 51 -13.22 14.13 -1.32
N TYR B 52 -14.35 14.78 -1.58
CA TYR B 52 -15.15 14.54 -2.77
C TYR B 52 -15.36 15.86 -3.51
N SER B 53 -14.89 15.94 -4.76
CA SER B 53 -15.11 17.17 -5.52
C SER B 53 -16.58 17.34 -5.86
N SER B 54 -17.30 16.23 -6.06
CA SER B 54 -18.73 16.29 -6.36
C SER B 54 -19.52 16.97 -5.25
N PHE B 55 -19.31 16.50 -4.02
CA PHE B 55 -19.99 17.07 -2.86
C PHE B 55 -19.32 18.32 -2.34
N GLY B 56 -18.11 18.63 -2.80
CA GLY B 56 -17.38 19.72 -2.21
C GLY B 56 -17.04 19.50 -0.74
N SER B 57 -16.81 18.24 -0.36
CA SER B 57 -16.76 17.83 1.03
C SER B 57 -15.35 17.39 1.44
N ILE B 58 -15.11 17.47 2.75
CA ILE B 58 -13.92 16.91 3.37
C ILE B 58 -14.39 16.20 4.63
N THR B 59 -13.94 14.97 4.83
CA THR B 59 -14.39 14.15 5.95
C THR B 59 -13.17 13.53 6.62
N TYR B 60 -13.14 13.55 7.96
CA TYR B 60 -12.03 12.97 8.71
C TYR B 60 -12.53 11.87 9.64
N ALA B 61 -11.76 10.80 9.76
CA ALA B 61 -12.03 9.78 10.76
C ALA B 61 -11.97 10.40 12.16
N ASP B 62 -12.80 9.89 13.09
CA ASP B 62 -12.77 10.45 14.44
C ASP B 62 -11.39 10.39 15.06
N SER B 63 -10.57 9.40 14.70
CA SER B 63 -9.25 9.28 15.31
C SER B 63 -8.30 10.40 14.92
N VAL B 64 -8.63 11.23 13.92
CA VAL B 64 -7.71 12.28 13.49
C VAL B 64 -8.40 13.63 13.40
N LYS B 65 -9.73 13.65 13.47
CA LYS B 65 -10.47 14.89 13.36
C LYS B 65 -9.94 15.92 14.35
N GLY B 66 -9.74 17.15 13.89
CA GLY B 66 -9.19 18.20 14.73
C GLY B 66 -7.69 18.34 14.68
N ARG B 67 -6.96 17.35 14.15
CA ARG B 67 -5.51 17.41 14.07
C ARG B 67 -5.00 17.34 12.64
N PHE B 68 -5.75 16.71 11.74
CA PHE B 68 -5.36 16.54 10.35
C PHE B 68 -6.23 17.43 9.47
N THR B 69 -5.61 18.01 8.44
CA THR B 69 -6.31 18.89 7.52
C THR B 69 -5.89 18.64 6.08
N ILE B 70 -6.87 18.58 5.18
CA ILE B 70 -6.61 18.34 3.77
C ILE B 70 -6.71 19.65 3.01
N SER B 71 -5.79 19.84 2.06
CA SER B 71 -5.88 20.92 1.09
C SER B 71 -5.28 20.41 -0.21
N ALA B 72 -5.26 21.25 -1.23
CA ALA B 72 -4.71 20.83 -2.51
C ALA B 72 -4.15 22.04 -3.26
N ASP B 73 -3.17 21.78 -4.12
CA ASP B 73 -2.62 22.77 -5.04
C ASP B 73 -2.97 22.24 -6.42
N THR B 74 -4.03 22.79 -7.02
CA THR B 74 -4.48 22.26 -8.31
C THR B 74 -3.47 22.48 -9.42
N SER B 75 -2.71 23.57 -9.36
CA SER B 75 -1.71 23.82 -10.42
C SER B 75 -0.63 22.75 -10.44
N LYS B 76 -0.31 22.17 -9.29
CA LYS B 76 0.62 21.04 -9.18
C LYS B 76 -0.08 19.68 -9.20
N ASN B 77 -1.41 19.67 -9.31
CA ASN B 77 -2.20 18.44 -9.28
C ASN B 77 -1.81 17.55 -8.11
N THR B 78 -1.76 18.16 -6.93
CA THR B 78 -1.21 17.54 -5.73
C THR B 78 -2.16 17.81 -4.56
N ALA B 79 -2.52 16.75 -3.83
CA ALA B 79 -3.30 16.85 -2.60
C ALA B 79 -2.35 16.78 -1.41
N TYR B 80 -2.72 17.44 -0.32
CA TYR B 80 -1.91 17.47 0.89
C TYR B 80 -2.67 16.93 2.08
N LEU B 81 -1.95 16.24 2.98
CA LEU B 81 -2.46 15.87 4.29
C LEU B 81 -1.57 16.58 5.32
N GLN B 82 -2.09 17.63 5.93
CA GLN B 82 -1.39 18.36 6.97
C GLN B 82 -1.68 17.69 8.31
N MET B 83 -0.64 17.25 9.01
CA MET B 83 -0.79 16.59 10.30
C MET B 83 -0.20 17.47 11.40
N ASN B 84 -0.98 17.69 12.46
CA ASN B 84 -0.59 18.50 13.60
C ASN B 84 -0.79 17.69 14.87
N SER B 85 -0.11 18.08 15.94
CA SER B 85 -0.27 17.45 17.25
C SER B 85 -0.11 15.94 17.14
N LEU B 86 0.98 15.54 16.50
CA LEU B 86 1.15 14.13 16.17
C LEU B 86 1.41 13.32 17.43
N ARG B 87 0.85 12.12 17.47
CA ARG B 87 0.99 11.19 18.58
C ARG B 87 1.75 9.95 18.11
N ALA B 88 2.31 9.23 19.08
CA ALA B 88 2.97 7.96 18.79
C ALA B 88 2.07 7.03 18.00
N GLU B 89 0.77 6.99 18.32
CA GLU B 89 -0.15 6.11 17.61
C GLU B 89 -0.38 6.54 16.16
N ASP B 90 0.09 7.71 15.75
CA ASP B 90 0.01 8.11 14.35
C ASP B 90 1.13 7.53 13.51
N THR B 91 2.13 6.91 14.13
CA THR B 91 3.20 6.27 13.38
C THR B 91 2.63 5.21 12.45
N ALA B 92 2.90 5.32 11.15
CA ALA B 92 2.25 4.45 10.17
C ALA B 92 2.79 4.78 8.79
N VAL B 93 2.56 3.85 7.86
CA VAL B 93 2.66 4.14 6.44
C VAL B 93 1.35 4.76 5.99
N TYR B 94 1.42 5.92 5.35
CA TYR B 94 0.25 6.66 4.89
C TYR B 94 0.14 6.51 3.39
N TYR B 95 -1.04 6.10 2.92
CA TYR B 95 -1.36 5.97 1.52
C TYR B 95 -2.38 7.01 1.14
N CYS B 96 -2.25 7.57 -0.07
CA CYS B 96 -3.39 8.22 -0.69
C CYS B 96 -3.93 7.31 -1.77
N ALA B 97 -5.20 7.49 -2.10
CA ALA B 97 -5.87 6.58 -3.02
C ALA B 97 -7.05 7.29 -3.63
N ARG B 98 -7.39 6.89 -4.85
CA ARG B 98 -8.47 7.51 -5.60
C ARG B 98 -9.75 6.69 -5.44
N TYR B 99 -10.87 7.39 -5.21
CA TYR B 99 -12.18 6.77 -5.29
C TYR B 99 -12.39 6.07 -6.64
N HIS B 100 -12.84 4.82 -6.58
CA HIS B 100 -12.95 3.95 -7.76
C HIS B 100 -13.80 4.56 -8.86
N HIS B 101 -13.20 4.71 -10.05
CA HIS B 101 -13.93 5.16 -11.22
C HIS B 101 -14.01 4.02 -12.22
N PRO B 102 -15.18 3.78 -12.85
CA PRO B 102 -16.41 4.58 -12.77
C PRO B 102 -17.42 4.18 -11.70
N PHE B 103 -17.23 3.02 -11.09
CA PHE B 103 -18.33 2.42 -10.35
C PHE B 103 -18.35 2.71 -8.86
N GLY B 104 -17.27 3.25 -8.29
CA GLY B 104 -17.37 3.66 -6.90
C GLY B 104 -17.27 2.48 -5.94
N TYR B 105 -17.63 2.74 -4.69
CA TYR B 105 -17.66 1.79 -3.58
C TYR B 105 -16.28 1.23 -3.19
N ALA B 106 -15.18 1.84 -3.66
CA ALA B 106 -13.86 1.25 -3.45
C ALA B 106 -12.82 2.30 -3.80
N LEU B 107 -11.56 1.91 -3.72
CA LEU B 107 -10.41 2.76 -4.03
C LEU B 107 -9.58 2.04 -5.08
N ASP B 108 -9.44 2.64 -6.28
CA ASP B 108 -8.80 1.88 -7.37
C ASP B 108 -7.29 2.14 -7.48
N TYR B 109 -6.87 3.39 -7.66
CA TYR B 109 -5.44 3.70 -7.72
C TYR B 109 -4.91 4.10 -6.35
N TRP B 110 -3.74 3.59 -6.00
CA TRP B 110 -3.10 3.86 -4.72
C TRP B 110 -1.68 4.37 -4.95
N GLY B 111 -1.25 5.31 -4.11
CA GLY B 111 0.15 5.65 -4.05
C GLY B 111 0.95 4.56 -3.35
N GLN B 112 2.28 4.73 -3.35
CA GLN B 112 3.17 3.68 -2.86
C GLN B 112 3.31 3.69 -1.35
N GLY B 113 2.82 4.73 -0.68
CA GLY B 113 2.90 4.81 0.76
C GLY B 113 4.15 5.57 1.21
N THR B 114 4.03 6.36 2.28
CA THR B 114 5.20 6.98 2.89
C THR B 114 5.13 6.85 4.41
N LEU B 115 6.27 6.50 5.01
CA LEU B 115 6.32 6.17 6.43
C LEU B 115 6.50 7.43 7.26
N VAL B 116 5.62 7.61 8.24
CA VAL B 116 5.73 8.69 9.21
C VAL B 116 6.04 8.06 10.56
N THR B 117 7.18 8.43 11.15
CA THR B 117 7.59 7.94 12.47
C THR B 117 7.49 9.09 13.47
N VAL B 118 6.65 8.93 14.49
CA VAL B 118 6.50 9.93 15.55
C VAL B 118 7.31 9.46 16.76
N SER B 119 8.45 10.10 16.99
CA SER B 119 9.38 9.67 18.02
C SER B 119 10.21 10.86 18.47
N SER B 120 10.69 10.81 19.71
CA SER B 120 11.59 11.83 20.21
C SER B 120 13.07 11.51 19.95
N ALA B 121 13.37 10.28 19.53
CA ALA B 121 14.74 9.86 19.29
C ALA B 121 15.31 10.60 18.09
N SER B 122 16.64 10.65 18.02
CA SER B 122 17.31 11.46 17.02
C SER B 122 17.65 10.65 15.77
N THR B 123 17.68 11.34 14.63
CA THR B 123 18.08 10.70 13.39
C THR B 123 19.54 10.25 13.45
N LYS B 124 19.79 9.02 13.00
CA LYS B 124 21.14 8.52 12.88
C LYS B 124 21.27 7.77 11.55
N GLY B 125 22.27 8.14 10.76
CA GLY B 125 22.57 7.43 9.54
C GLY B 125 23.33 6.14 9.82
N PRO B 126 23.21 5.16 8.94
CA PRO B 126 23.79 3.84 9.20
C PRO B 126 25.26 3.76 8.80
N SER B 127 25.94 2.79 9.39
CA SER B 127 27.20 2.29 8.85
C SER B 127 26.92 1.05 7.99
N VAL B 128 27.68 0.91 6.91
CA VAL B 128 27.51 -0.21 5.97
C VAL B 128 28.80 -1.03 5.95
N PHE B 129 28.70 -2.30 6.33
CA PHE B 129 29.84 -3.19 6.40
C PHE B 129 29.64 -4.39 5.46
N PRO B 130 30.72 -4.89 4.85
CA PRO B 130 30.59 -6.05 3.97
C PRO B 130 30.38 -7.36 4.73
N LEU B 131 29.60 -8.25 4.12
CA LEU B 131 29.47 -9.63 4.54
C LEU B 131 30.18 -10.47 3.48
N ALA B 132 31.44 -10.81 3.75
CA ALA B 132 32.32 -11.27 2.69
C ALA B 132 32.12 -12.75 2.41
N PRO B 133 32.10 -13.15 1.13
CA PRO B 133 32.09 -14.59 0.82
C PRO B 133 33.42 -15.19 1.24
N SER B 134 33.35 -16.21 2.08
CA SER B 134 34.57 -16.78 2.64
C SER B 134 35.13 -17.86 1.71
N SER B 135 36.28 -18.41 2.10
CA SER B 135 36.92 -19.51 1.37
C SER B 135 36.69 -20.83 2.09
N LYS B 136 37.15 -20.93 3.34
CA LYS B 136 37.02 -22.15 4.14
C LYS B 136 35.56 -22.39 4.51
N GLY B 140 30.28 -25.17 -3.20
CA GLY B 140 29.14 -25.96 -3.64
C GLY B 140 28.56 -25.44 -4.95
N GLY B 141 29.29 -24.53 -5.58
CA GLY B 141 28.83 -23.85 -6.77
C GLY B 141 28.13 -22.53 -6.48
N THR B 142 27.53 -22.40 -5.31
CA THR B 142 26.84 -21.17 -4.91
C THR B 142 27.56 -20.54 -3.72
N ALA B 143 27.76 -19.23 -3.78
CA ALA B 143 28.32 -18.46 -2.68
C ALA B 143 27.34 -17.37 -2.28
N ALA B 144 27.45 -16.94 -1.02
CA ALA B 144 26.65 -15.84 -0.49
C ALA B 144 27.54 -14.67 -0.13
N LEU B 145 27.06 -13.46 -0.36
CA LEU B 145 27.69 -12.23 0.12
C LEU B 145 26.60 -11.24 0.48
N GLY B 146 27.00 -10.13 1.09
CA GLY B 146 25.99 -9.18 1.53
C GLY B 146 26.56 -7.91 2.12
N CYS B 147 25.66 -7.10 2.66
CA CYS B 147 25.99 -5.86 3.32
C CYS B 147 25.21 -5.81 4.62
N LEU B 148 25.89 -5.47 5.71
CA LEU B 148 25.24 -5.24 7.00
C LEU B 148 25.05 -3.74 7.15
N VAL B 149 23.81 -3.30 7.35
CA VAL B 149 23.49 -1.89 7.43
C VAL B 149 23.10 -1.63 8.88
N LYS B 150 24.02 -1.09 9.66
CA LYS B 150 23.93 -1.17 11.12
C LYS B 150 23.72 0.21 11.75
N ASP B 151 22.82 0.26 12.74
CA ASP B 151 22.65 1.37 13.67
C ASP B 151 22.10 2.62 12.99
N TYR B 152 20.84 2.59 12.54
CA TYR B 152 20.22 3.77 11.98
C TYR B 152 18.88 4.01 12.63
N PHE B 153 18.35 5.22 12.43
CA PHE B 153 17.04 5.64 12.88
C PHE B 153 16.63 6.89 12.12
N PRO B 154 15.37 7.03 11.69
CA PRO B 154 14.31 6.02 11.78
C PRO B 154 14.40 5.11 10.56
N GLU B 155 13.46 4.17 10.45
CA GLU B 155 13.23 3.52 9.17
C GLU B 155 12.83 4.56 8.12
N PRO B 156 12.99 4.25 6.82
CA PRO B 156 13.50 3.01 6.23
C PRO B 156 14.85 3.18 5.58
N VAL B 157 15.49 2.07 5.27
CA VAL B 157 16.60 2.08 4.33
CA VAL B 157 16.62 2.04 4.35
C VAL B 157 16.22 1.19 3.16
N THR B 158 16.71 1.56 1.99
CA THR B 158 16.54 0.71 0.81
C THR B 158 17.91 0.21 0.38
N VAL B 159 17.95 -1.02 -0.13
CA VAL B 159 19.18 -1.61 -0.64
C VAL B 159 18.90 -2.15 -2.05
N SER B 160 19.78 -1.84 -2.99
CA SER B 160 19.82 -2.52 -4.27
C SER B 160 21.21 -3.10 -4.48
N TRP B 161 21.35 -3.93 -5.51
CA TRP B 161 22.64 -4.51 -5.86
C TRP B 161 22.97 -4.16 -7.30
N ASN B 162 24.22 -3.71 -7.53
CA ASN B 162 24.71 -3.39 -8.88
C ASN B 162 23.79 -2.40 -9.57
N SER B 163 23.34 -1.40 -8.81
CA SER B 163 22.45 -0.34 -9.27
C SER B 163 21.17 -0.89 -9.90
N GLY B 164 20.71 -2.05 -9.41
CA GLY B 164 19.49 -2.67 -9.88
C GLY B 164 19.69 -3.73 -10.93
N ALA B 165 20.92 -3.91 -11.42
CA ALA B 165 21.19 -4.93 -12.42
C ALA B 165 21.16 -6.33 -11.82
N LEU B 166 21.26 -6.46 -10.50
CA LEU B 166 21.26 -7.76 -9.81
C LEU B 166 20.04 -7.79 -8.90
N THR B 167 19.09 -8.66 -9.22
CA THR B 167 17.83 -8.75 -8.47
C THR B 167 17.58 -10.18 -8.06
N SER B 168 18.02 -11.12 -8.90
CA SER B 168 17.80 -12.53 -8.65
C SER B 168 18.67 -12.99 -7.49
N GLY B 169 18.07 -13.74 -6.56
CA GLY B 169 18.81 -14.23 -5.41
C GLY B 169 19.02 -13.21 -4.29
N VAL B 170 18.48 -12.02 -4.39
CA VAL B 170 18.67 -11.01 -3.36
C VAL B 170 17.63 -11.22 -2.25
N HIS B 171 18.09 -11.14 -1.00
CA HIS B 171 17.18 -11.06 0.15
C HIS B 171 17.63 -9.88 1.00
N THR B 172 16.76 -8.88 1.14
CA THR B 172 16.99 -7.77 2.06
C THR B 172 16.07 -7.99 3.25
N PHE B 173 16.65 -8.27 4.39
CA PHE B 173 15.87 -8.70 5.54
C PHE B 173 15.14 -7.53 6.17
N PRO B 174 13.98 -7.78 6.78
CA PRO B 174 13.33 -6.73 7.57
C PRO B 174 14.27 -6.27 8.67
N ALA B 175 14.25 -4.97 8.96
CA ALA B 175 15.11 -4.47 10.02
C ALA B 175 14.70 -5.04 11.36
N VAL B 176 15.66 -5.14 12.27
CA VAL B 176 15.38 -5.47 13.66
C VAL B 176 15.73 -4.27 14.53
N LEU B 177 14.93 -4.05 15.56
CA LEU B 177 15.23 -2.99 16.53
C LEU B 177 16.14 -3.57 17.60
N GLN B 178 17.34 -3.00 17.73
CA GLN B 178 18.29 -3.45 18.73
C GLN B 178 17.97 -2.82 20.09
N SER B 179 18.52 -3.42 21.15
CA SER B 179 18.27 -2.90 22.49
C SER B 179 18.75 -1.46 22.63
N SER B 180 19.67 -1.02 21.79
CA SER B 180 20.11 0.37 21.75
C SER B 180 19.06 1.33 21.21
N GLY B 181 17.95 0.84 20.66
CA GLY B 181 16.97 1.72 20.05
C GLY B 181 17.26 2.09 18.61
N LEU B 182 18.28 1.50 18.01
CA LEU B 182 18.64 1.73 16.63
C LEU B 182 18.31 0.49 15.81
N TYR B 183 18.02 0.69 14.53
CA TYR B 183 17.72 -0.40 13.63
C TYR B 183 19.00 -0.94 12.98
N SER B 184 18.94 -2.21 12.58
CA SER B 184 20.00 -2.85 11.83
CA SER B 184 20.00 -2.81 11.79
C SER B 184 19.36 -3.82 10.84
N LEU B 185 19.95 -3.95 9.65
CA LEU B 185 19.47 -4.98 8.73
C LEU B 185 20.64 -5.49 7.91
N SER B 186 20.44 -6.63 7.25
CA SER B 186 21.38 -7.11 6.25
C SER B 186 20.64 -7.33 4.93
N SER B 187 21.36 -7.15 3.84
CA SER B 187 20.91 -7.59 2.52
C SER B 187 21.95 -8.56 1.99
N VAL B 188 21.50 -9.73 1.51
CA VAL B 188 22.41 -10.75 1.02
C VAL B 188 21.98 -11.11 -0.41
N VAL B 189 22.87 -11.80 -1.11
CA VAL B 189 22.59 -12.31 -2.44
C VAL B 189 23.44 -13.57 -2.64
N THR B 190 22.86 -14.59 -3.27
CA THR B 190 23.63 -15.78 -3.61
C THR B 190 24.00 -15.70 -5.09
N VAL B 191 25.24 -16.06 -5.38
CA VAL B 191 25.80 -15.94 -6.74
C VAL B 191 26.63 -17.18 -7.01
N PRO B 192 26.95 -17.43 -8.29
CA PRO B 192 27.83 -18.56 -8.59
C PRO B 192 29.21 -18.33 -7.96
N SER B 193 29.73 -19.36 -7.29
CA SER B 193 31.02 -19.22 -6.63
C SER B 193 32.13 -18.98 -7.64
N SER B 194 31.94 -19.45 -8.88
CA SER B 194 32.92 -19.20 -9.92
C SER B 194 32.96 -17.74 -10.36
N SER B 195 31.96 -16.94 -9.98
CA SER B 195 31.89 -15.54 -10.33
C SER B 195 32.59 -14.62 -9.34
N LEU B 196 33.06 -15.14 -8.21
CA LEU B 196 33.56 -14.26 -7.16
C LEU B 196 34.82 -13.52 -7.60
N GLY B 197 35.64 -14.14 -8.46
CA GLY B 197 36.82 -13.45 -8.94
C GLY B 197 36.58 -12.57 -10.16
N THR B 198 35.46 -12.74 -10.86
CA THR B 198 35.28 -12.09 -12.15
C THR B 198 34.16 -11.07 -12.22
N GLN B 199 33.30 -10.97 -11.20
CA GLN B 199 32.20 -10.03 -11.21
C GLN B 199 32.27 -9.10 -9.99
N THR B 200 32.05 -7.82 -10.24
CA THR B 200 31.98 -6.83 -9.17
C THR B 200 30.58 -6.82 -8.56
N TYR B 201 30.52 -6.83 -7.23
CA TYR B 201 29.25 -6.80 -6.50
C TYR B 201 29.25 -5.60 -5.57
N ILE B 202 28.25 -4.73 -5.75
CA ILE B 202 28.13 -3.48 -4.99
C ILE B 202 26.72 -3.41 -4.43
N CYS B 203 26.61 -3.16 -3.13
CA CYS B 203 25.30 -2.88 -2.54
C CYS B 203 25.10 -1.38 -2.48
N ASN B 204 23.94 -0.92 -2.95
CA ASN B 204 23.61 0.49 -2.97
C ASN B 204 22.61 0.76 -1.84
N VAL B 205 23.07 1.46 -0.81
CA VAL B 205 22.31 1.68 0.40
C VAL B 205 21.88 3.14 0.43
N ASN B 206 20.60 3.38 0.71
CA ASN B 206 20.08 4.73 0.81
C ASN B 206 19.27 4.86 2.10
N HIS B 207 19.51 5.93 2.85
CA HIS B 207 18.76 6.24 4.07
C HIS B 207 18.38 7.71 3.94
N LYS B 208 17.27 7.95 3.25
CA LYS B 208 16.83 9.33 3.02
C LYS B 208 16.64 10.15 4.29
N PRO B 209 16.20 9.61 5.44
CA PRO B 209 16.09 10.45 6.63
C PRO B 209 17.38 11.14 7.04
N SER B 210 18.54 10.50 6.83
CA SER B 210 19.82 11.14 7.11
C SER B 210 20.54 11.55 5.84
N ASN B 211 19.86 11.54 4.70
CA ASN B 211 20.47 11.84 3.39
C ASN B 211 21.77 11.08 3.18
N THR B 212 21.81 9.82 3.65
CA THR B 212 22.96 8.94 3.49
C THR B 212 22.81 8.10 2.23
N LYS B 213 23.87 8.07 1.41
CA LYS B 213 23.96 7.16 0.26
C LYS B 213 25.32 6.50 0.24
N VAL B 214 25.34 5.17 0.15
CA VAL B 214 26.57 4.38 0.19
C VAL B 214 26.52 3.31 -0.89
N ASP B 215 27.58 3.23 -1.69
CA ASP B 215 27.79 2.12 -2.64
C ASP B 215 29.01 1.35 -2.16
N LYS B 216 28.77 0.20 -1.54
CA LYS B 216 29.83 -0.58 -0.89
C LYS B 216 30.17 -1.80 -1.76
N LYS B 217 31.38 -1.80 -2.31
CA LYS B 217 31.85 -2.99 -3.02
C LYS B 217 32.16 -4.08 -2.00
N VAL B 218 31.63 -5.28 -2.24
CA VAL B 218 31.83 -6.43 -1.37
C VAL B 218 32.82 -7.36 -2.05
N GLU B 219 34.01 -7.47 -1.49
CA GLU B 219 35.08 -8.28 -2.06
C GLU B 219 35.27 -9.57 -1.28
N PRO B 220 35.60 -10.68 -1.94
CA PRO B 220 36.03 -11.87 -1.19
C PRO B 220 37.27 -11.55 -0.37
N LYS B 221 37.50 -12.36 0.66
CA LYS B 221 38.54 -12.07 1.65
C LYS B 221 39.88 -12.68 1.28
N PRO C 4 -20.39 26.51 -30.92
CA PRO C 4 -20.48 25.37 -30.00
C PRO C 4 -20.36 24.02 -30.72
N VAL C 5 -19.18 23.42 -30.71
CA VAL C 5 -18.97 22.13 -31.38
C VAL C 5 -19.53 21.02 -30.50
N CYS C 6 -20.27 20.09 -31.11
CA CYS C 6 -20.89 19.03 -30.33
C CYS C 6 -19.98 17.82 -30.26
N GLN C 7 -19.99 17.15 -29.11
CA GLN C 7 -19.26 15.92 -28.89
C GLN C 7 -20.24 14.81 -28.53
N GLU C 8 -20.11 13.65 -29.17
CA GLU C 8 -20.81 12.48 -28.70
CA GLU C 8 -20.81 12.48 -28.70
C GLU C 8 -20.52 12.25 -27.22
N ILE C 9 -21.56 11.98 -26.44
CA ILE C 9 -21.38 11.77 -25.01
C ILE C 9 -20.57 10.49 -24.79
N THR C 10 -19.50 10.59 -23.99
CA THR C 10 -18.68 9.44 -23.63
C THR C 10 -18.70 9.11 -22.16
N VAL C 11 -19.28 9.94 -21.30
CA VAL C 11 -19.30 9.57 -19.89
CA VAL C 11 -19.39 9.65 -19.87
C VAL C 11 -20.34 8.47 -19.70
N PRO C 12 -19.94 7.33 -19.12
CA PRO C 12 -20.82 6.14 -19.12
C PRO C 12 -22.20 6.39 -18.56
N MET C 13 -22.30 7.00 -17.37
CA MET C 13 -23.61 7.14 -16.75
C MET C 13 -24.49 8.16 -17.46
N CYS C 14 -23.98 8.93 -18.41
CA CYS C 14 -24.80 9.87 -19.16
C CYS C 14 -25.16 9.37 -20.56
N ARG C 15 -24.80 8.13 -20.89
CA ARG C 15 -25.25 7.52 -22.13
CA ARG C 15 -25.25 7.53 -22.13
C ARG C 15 -26.71 7.10 -22.01
N GLY C 16 -27.48 7.34 -23.07
CA GLY C 16 -28.86 6.94 -23.11
C GLY C 16 -29.77 7.63 -22.10
N ILE C 17 -29.73 8.95 -22.07
CA ILE C 17 -30.58 9.75 -21.18
C ILE C 17 -31.61 10.56 -21.93
N GLY C 18 -31.62 10.52 -23.26
CA GLY C 18 -32.58 11.29 -24.02
C GLY C 18 -31.94 12.11 -25.12
N TYR C 19 -30.69 12.50 -24.90
CA TYR C 19 -29.90 13.19 -25.90
C TYR C 19 -28.52 12.57 -25.95
N ASN C 20 -27.87 12.73 -27.11
CA ASN C 20 -26.63 12.02 -27.42
C ASN C 20 -25.41 12.91 -27.52
N LEU C 21 -25.58 14.22 -27.67
CA LEU C 21 -24.46 15.11 -27.91
C LEU C 21 -24.34 16.11 -26.78
N THR C 22 -23.11 16.47 -26.42
CA THR C 22 -22.85 17.48 -25.41
C THR C 22 -21.78 18.43 -25.93
N HIS C 23 -21.54 19.50 -25.17
CA HIS C 23 -20.51 20.48 -25.48
C HIS C 23 -19.70 20.78 -24.23
N MET C 24 -18.41 21.03 -24.43
CA MET C 24 -17.48 21.36 -23.38
C MET C 24 -16.88 22.73 -23.67
N PRO C 25 -16.50 23.50 -22.64
CA PRO C 25 -16.57 23.14 -21.22
C PRO C 25 -17.98 23.21 -20.64
N ASN C 26 -18.22 22.49 -19.55
CA ASN C 26 -19.50 22.56 -18.85
C ASN C 26 -19.44 23.70 -17.84
N GLN C 27 -20.52 23.85 -17.05
CA GLN C 27 -20.61 24.97 -16.11
C GLN C 27 -19.65 24.85 -14.94
N PHE C 28 -19.09 23.67 -14.71
CA PHE C 28 -18.08 23.51 -13.66
C PHE C 28 -16.67 23.73 -14.18
N ASN C 29 -16.54 24.23 -15.40
CA ASN C 29 -15.28 24.49 -16.09
C ASN C 29 -14.50 23.21 -16.40
N HIS C 30 -15.17 22.05 -16.44
CA HIS C 30 -14.53 20.86 -16.95
C HIS C 30 -14.39 20.98 -18.46
N ASP C 31 -13.17 20.88 -18.98
CA ASP C 31 -12.97 21.08 -20.41
C ASP C 31 -12.96 19.79 -21.22
N THR C 32 -13.03 18.63 -20.57
CA THR C 32 -13.08 17.33 -21.24
C THR C 32 -14.14 16.46 -20.56
N GLN C 33 -14.73 15.54 -21.32
CA GLN C 33 -15.69 14.64 -20.67
C GLN C 33 -15.03 13.67 -19.70
N ASP C 34 -13.74 13.38 -19.88
CA ASP C 34 -13.04 12.57 -18.89
C ASP C 34 -13.07 13.25 -17.53
N GLU C 35 -12.84 14.57 -17.49
CA GLU C 35 -12.91 15.29 -16.23
CA GLU C 35 -12.93 15.31 -16.24
C GLU C 35 -14.35 15.36 -15.72
N ALA C 36 -15.30 15.69 -16.60
CA ALA C 36 -16.71 15.73 -16.21
C ALA C 36 -17.16 14.37 -15.69
N GLY C 37 -16.74 13.29 -16.36
CA GLY C 37 -17.15 11.97 -15.94
C GLY C 37 -16.52 11.55 -14.62
N LEU C 38 -15.25 11.92 -14.40
CA LEU C 38 -14.60 11.62 -13.12
C LEU C 38 -15.38 12.23 -11.95
N GLU C 39 -15.95 13.43 -12.15
CA GLU C 39 -16.68 14.02 -11.05
C GLU C 39 -18.11 13.49 -10.96
N VAL C 40 -18.83 13.43 -12.08
CA VAL C 40 -20.23 13.03 -11.94
C VAL C 40 -20.34 11.57 -11.52
N HIS C 41 -19.32 10.75 -11.81
CA HIS C 41 -19.42 9.36 -11.39
C HIS C 41 -19.23 9.17 -9.89
N GLN C 42 -18.78 10.20 -9.16
CA GLN C 42 -18.85 10.13 -7.71
C GLN C 42 -20.28 10.00 -7.22
N PHE C 43 -21.26 10.46 -8.00
CA PHE C 43 -22.67 10.31 -7.62
C PHE C 43 -23.24 8.95 -7.98
N TRP C 44 -22.49 8.09 -8.67
CA TRP C 44 -23.06 6.82 -9.16
C TRP C 44 -23.77 6.02 -8.07
N PRO C 45 -23.23 5.83 -6.86
CA PRO C 45 -23.99 5.10 -5.83
C PRO C 45 -25.39 5.64 -5.59
N LEU C 46 -25.57 6.96 -5.67
CA LEU C 46 -26.89 7.54 -5.48
C LEU C 46 -27.81 7.23 -6.65
N VAL C 47 -27.26 7.17 -7.86
CA VAL C 47 -28.09 6.77 -9.00
C VAL C 47 -28.51 5.32 -8.85
N GLU C 48 -27.61 4.46 -8.36
CA GLU C 48 -27.90 3.04 -8.28
C GLU C 48 -28.94 2.72 -7.21
N ILE C 49 -28.92 3.44 -6.09
CA ILE C 49 -29.91 3.20 -5.04
C ILE C 49 -31.25 3.84 -5.36
N GLN C 50 -31.32 4.67 -6.39
CA GLN C 50 -32.59 5.24 -6.87
C GLN C 50 -33.29 6.06 -5.80
N CYS C 51 -32.56 7.02 -5.21
CA CYS C 51 -33.21 7.96 -4.30
C CYS C 51 -34.13 8.91 -5.04
N SER C 52 -33.96 9.08 -6.34
CA SER C 52 -34.81 9.92 -7.16
C SER C 52 -34.69 9.48 -8.60
N PRO C 53 -35.81 9.22 -9.28
CA PRO C 53 -35.73 8.90 -10.71
C PRO C 53 -35.22 10.06 -11.57
N ASP C 54 -35.17 11.27 -11.04
CA ASP C 54 -34.69 12.42 -11.79
C ASP C 54 -33.19 12.66 -11.68
N LEU C 55 -32.48 11.91 -10.83
CA LEU C 55 -31.12 12.29 -10.48
C LEU C 55 -30.16 12.14 -11.67
N ARG C 56 -30.21 11.01 -12.37
CA ARG C 56 -29.28 10.80 -13.47
C ARG C 56 -29.43 11.88 -14.54
N PHE C 57 -30.68 12.16 -14.94
CA PHE C 57 -30.89 13.17 -15.97
C PHE C 57 -30.49 14.55 -15.49
N PHE C 58 -30.82 14.89 -14.25
CA PHE C 58 -30.46 16.18 -13.71
C PHE C 58 -28.94 16.37 -13.72
N LEU C 59 -28.21 15.42 -13.14
CA LEU C 59 -26.75 15.53 -13.10
C LEU C 59 -26.16 15.63 -14.50
N CYS C 60 -26.60 14.76 -15.41
CA CYS C 60 -26.04 14.81 -16.75
C CYS C 60 -26.39 16.12 -17.46
N SER C 61 -27.57 16.68 -17.20
CA SER C 61 -27.94 17.92 -17.88
C SER C 61 -27.02 19.07 -17.49
N MET C 62 -26.32 18.96 -16.37
CA MET C 62 -25.28 19.91 -15.97
C MET C 62 -23.87 19.48 -16.38
N TYR C 63 -23.50 18.21 -16.13
CA TYR C 63 -22.13 17.77 -16.37
C TYR C 63 -21.84 17.51 -17.85
N THR C 64 -22.81 16.98 -18.59
CA THR C 64 -22.70 16.81 -20.03
C THR C 64 -23.90 17.50 -20.66
N PRO C 65 -23.90 18.83 -20.68
CA PRO C 65 -25.08 19.58 -21.10
C PRO C 65 -25.41 19.35 -22.56
N ILE C 66 -26.71 19.47 -22.89
CA ILE C 66 -27.15 19.08 -24.22
C ILE C 66 -26.58 20.02 -25.27
N CYS C 67 -26.11 19.44 -26.37
CA CYS C 67 -25.63 20.20 -27.51
C CYS C 67 -26.52 19.89 -28.70
N LEU C 68 -27.04 20.94 -29.33
CA LEU C 68 -27.91 20.78 -30.48
C LEU C 68 -27.30 21.42 -31.73
N PRO C 69 -27.51 20.83 -32.91
CA PRO C 69 -26.69 21.19 -34.09
C PRO C 69 -26.59 22.68 -34.38
N ASP C 70 -27.71 23.38 -34.51
CA ASP C 70 -27.66 24.80 -34.83
C ASP C 70 -27.97 25.69 -33.64
N TYR C 71 -28.80 25.20 -32.71
CA TYR C 71 -29.25 26.02 -31.58
C TYR C 71 -28.08 26.27 -30.63
N HIS C 72 -27.74 27.54 -30.43
CA HIS C 72 -26.56 27.92 -29.68
C HIS C 72 -26.85 28.36 -28.26
N LYS C 73 -28.11 28.54 -27.88
CA LYS C 73 -28.42 29.07 -26.57
C LYS C 73 -28.37 27.97 -25.50
N PRO C 74 -28.19 28.34 -24.23
CA PRO C 74 -28.07 27.31 -23.19
C PRO C 74 -29.41 26.67 -22.87
N LEU C 75 -29.34 25.42 -22.41
CA LEU C 75 -30.53 24.60 -22.14
C LEU C 75 -30.38 23.87 -20.80
N PRO C 76 -30.49 24.61 -19.70
CA PRO C 76 -30.31 24.00 -18.38
C PRO C 76 -31.48 23.11 -18.02
N PRO C 77 -31.34 22.25 -17.02
CA PRO C 77 -32.50 21.56 -16.47
C PRO C 77 -33.42 22.55 -15.78
N CYS C 78 -34.67 22.14 -15.65
CA CYS C 78 -35.64 23.02 -15.02
C CYS C 78 -35.52 22.98 -13.51
N ARG C 79 -35.95 24.07 -12.89
CA ARG C 79 -35.96 24.15 -11.43
C ARG C 79 -36.76 23.01 -10.81
N SER C 80 -37.83 22.57 -11.48
CA SER C 80 -38.62 21.46 -10.96
C SER C 80 -37.84 20.16 -10.97
N VAL C 81 -37.06 19.90 -12.02
CA VAL C 81 -36.25 18.68 -12.06
C VAL C 81 -35.26 18.67 -10.92
N CYS C 82 -34.55 19.78 -10.72
CA CYS C 82 -33.64 19.90 -9.60
C CYS C 82 -34.36 19.72 -8.27
N GLU C 83 -35.53 20.33 -8.12
CA GLU C 83 -36.24 20.22 -6.85
C GLU C 83 -36.66 18.78 -6.57
N ARG C 84 -37.07 18.05 -7.60
CA ARG C 84 -37.40 16.64 -7.41
C ARG C 84 -36.18 15.85 -6.98
N ALA C 85 -35.05 16.08 -7.64
CA ALA C 85 -33.83 15.35 -7.30
C ALA C 85 -33.35 15.71 -5.90
N LYS C 86 -33.37 17.00 -5.56
CA LYS C 86 -32.95 17.39 -4.21
C LYS C 86 -33.87 16.81 -3.15
N ALA C 87 -35.18 16.76 -3.42
CA ALA C 87 -36.12 16.22 -2.44
C ALA C 87 -35.83 14.74 -2.17
N GLY C 88 -35.66 13.95 -3.23
CA GLY C 88 -35.49 12.53 -3.05
C GLY C 88 -34.11 12.11 -2.59
N CYS C 89 -33.08 12.91 -2.87
CA CYS C 89 -31.71 12.47 -2.61
C CYS C 89 -30.98 13.24 -1.53
N SER C 90 -31.32 14.50 -1.27
CA SER C 90 -30.60 15.23 -0.22
C SER C 90 -30.68 14.57 1.16
N PRO C 91 -31.75 13.86 1.57
CA PRO C 91 -31.69 13.19 2.87
C PRO C 91 -30.64 12.07 2.94
N LEU C 92 -30.51 11.29 1.89
CA LEU C 92 -29.47 10.26 1.87
C LEU C 92 -28.08 10.88 1.87
N MET C 93 -27.88 11.94 1.08
CA MET C 93 -26.61 12.64 1.08
C MET C 93 -26.25 13.13 2.48
N ARG C 94 -27.22 13.69 3.21
CA ARG C 94 -26.93 14.14 4.57
C ARG C 94 -26.60 12.96 5.48
N GLN C 95 -27.21 11.79 5.24
CA GLN C 95 -26.92 10.62 6.04
C GLN C 95 -25.51 10.13 5.83
N TYR C 96 -24.99 10.22 4.60
CA TYR C 96 -23.61 9.85 4.34
C TYR C 96 -22.62 10.87 4.89
N GLY C 97 -23.08 12.01 5.37
CA GLY C 97 -22.20 13.04 5.86
C GLY C 97 -21.96 14.21 4.93
N PHE C 98 -22.76 14.37 3.89
CA PHE C 98 -22.61 15.45 2.93
C PHE C 98 -23.88 16.30 2.93
N ALA C 99 -23.94 17.25 2.02
CA ALA C 99 -25.11 18.09 1.86
C ALA C 99 -25.33 18.28 0.37
N TRP C 100 -26.57 18.60 0.00
CA TRP C 100 -26.85 18.92 -1.39
C TRP C 100 -25.85 19.96 -1.88
N PRO C 101 -25.13 19.71 -2.98
CA PRO C 101 -24.04 20.60 -3.37
C PRO C 101 -24.53 22.00 -3.65
N GLU C 102 -23.76 22.98 -3.15
CA GLU C 102 -24.15 24.38 -3.26
C GLU C 102 -24.23 24.82 -4.72
N ARG C 103 -23.34 24.29 -5.57
CA ARG C 103 -23.36 24.63 -6.99
C ARG C 103 -24.68 24.27 -7.65
N MET C 104 -25.42 23.32 -7.09
CA MET C 104 -26.63 22.79 -7.72
C MET C 104 -27.89 23.26 -6.99
N SER C 105 -27.87 24.47 -6.43
CA SER C 105 -29.06 25.05 -5.83
C SER C 105 -30.10 25.28 -6.92
N CYS C 106 -31.34 24.85 -6.66
CA CYS C 106 -32.33 24.82 -7.72
C CYS C 106 -32.82 26.23 -8.09
N ASP C 107 -32.76 27.18 -7.16
CA ASP C 107 -33.26 28.52 -7.48
C ASP C 107 -32.41 29.23 -8.53
N ARG C 108 -31.28 28.67 -8.93
CA ARG C 108 -30.53 29.20 -10.06
C ARG C 108 -31.05 28.72 -11.40
N LEU C 109 -32.09 27.90 -11.41
CA LEU C 109 -32.55 27.32 -12.66
C LEU C 109 -33.83 27.99 -13.14
N PRO C 110 -34.04 28.06 -14.46
CA PRO C 110 -35.27 28.64 -14.99
C PRO C 110 -36.48 27.80 -14.64
N VAL C 111 -37.64 28.45 -14.59
CA VAL C 111 -38.91 27.80 -14.28
C VAL C 111 -39.61 27.42 -15.58
N LEU C 112 -40.20 26.22 -15.61
CA LEU C 112 -40.79 25.67 -16.82
C LEU C 112 -41.90 26.57 -17.37
N GLY C 113 -41.64 27.20 -18.51
CA GLY C 113 -42.65 27.99 -19.19
C GLY C 113 -42.84 29.39 -18.67
N ARG C 114 -42.10 29.81 -17.64
CA ARG C 114 -42.27 31.17 -17.13
C ARG C 114 -41.71 32.22 -18.09
N ASP C 115 -40.77 31.83 -18.94
CA ASP C 115 -40.14 32.75 -19.87
C ASP C 115 -39.81 32.02 -21.15
N ALA C 116 -39.95 32.72 -22.28
CA ALA C 116 -39.48 32.21 -23.56
C ALA C 116 -38.10 32.75 -23.93
N GLU C 117 -37.55 33.65 -23.11
CA GLU C 117 -36.18 34.13 -23.31
C GLU C 117 -35.14 33.20 -22.68
N VAL C 118 -35.48 32.54 -21.57
CA VAL C 118 -34.68 31.48 -20.98
C VAL C 118 -35.52 30.21 -21.00
N LEU C 119 -35.15 29.26 -21.86
CA LEU C 119 -35.81 27.97 -21.93
C LEU C 119 -35.09 26.98 -21.02
N CYS C 120 -35.86 26.08 -20.42
CA CYS C 120 -35.32 25.03 -19.57
C CYS C 120 -35.68 23.68 -20.16
N MET C 121 -35.09 22.63 -19.59
CA MET C 121 -35.38 21.24 -19.94
C MET C 121 -36.07 20.57 -18.76
N ASP C 122 -37.17 19.86 -19.05
CA ASP C 122 -37.82 19.05 -18.03
C ASP C 122 -38.28 17.72 -18.61
N TYR C 123 -39.50 17.71 -19.15
CA TYR C 123 -40.21 16.55 -19.71
C TYR C 123 -39.33 15.35 -20.06
#